data_3FBM
#
_entry.id   3FBM
#
_cell.length_a   326.725
_cell.length_b   326.725
_cell.length_c   326.725
_cell.angle_alpha   90.00
_cell.angle_beta   90.00
_cell.angle_gamma   90.00
#
_symmetry.space_group_name_H-M   'P 21 3'
#
loop_
_entity.id
_entity.type
_entity.pdbx_description
1 polymer Polyprotein
2 non-polymer 'CALCIUM ION'
#
_entity_poly.entity_id   1
_entity_poly.type   'polypeptide(L)'
_entity_poly.pdbx_seq_one_letter_code
;MTNLSDQTQQIVPFIRSLLMPTTGPASIPDDTLEKHTLRSETSTYNLTVGDTGSGLIVFFPGFPGSIVGAHYTLQGNGNY
KFDQMLLTAQNLPASYNYCRLVSRSLTVRSSTLPGGVYALNGTINAVTFQGSLSELTDVSYNGLMSATANINDKIGNVLV
GEGVTVLSLPTSYDLGYVRLGDPIPAIGLDPKMVATCDSSDRPRVYTITAADDYQFSSQYQPGGVTITLFSANIDAITSL
SVGGELVFRTSVHGLVLGATIYLIGFDGTTVITRAVAANNGLTTGTDNLMPFNLVIPTNEITQPITSIKLEIVTSKSGGQ
AGDQMSWSARGSLAVTIHGGNYPGALRPVTLVAYERVATGSVVTVAGVSNFELIPNPELAKNLVTEYGRFDPGAMNYTKL
ILSERDRLGIKTVWPTREYTDFREYFMEVANLNSPLKIAGAFGFKDIIRAIR
;
_entity_poly.pdbx_strand_id   A
#
loop_
_chem_comp.id
_chem_comp.type
_chem_comp.name
_chem_comp.formula
CA non-polymer 'CALCIUM ION' 'Ca 2'
#
# COMPACT_ATOMS: atom_id res chain seq x y z
N THR A 8 13.80 22.46 -24.50
CA THR A 8 13.68 22.99 -23.11
C THR A 8 13.95 24.49 -23.00
N GLN A 9 12.91 25.25 -22.70
CA GLN A 9 13.01 26.70 -22.53
C GLN A 9 13.14 26.89 -21.03
N GLN A 10 14.35 27.13 -20.53
CA GLN A 10 14.54 27.24 -19.09
C GLN A 10 14.29 25.81 -18.63
N ILE A 11 13.11 25.56 -18.07
CA ILE A 11 12.71 24.24 -17.61
C ILE A 11 11.25 24.26 -17.20
N VAL A 12 10.54 23.19 -17.54
CA VAL A 12 9.14 23.10 -17.21
C VAL A 12 9.03 22.70 -15.76
N PRO A 13 8.42 23.57 -14.94
CA PRO A 13 8.23 23.31 -13.51
C PRO A 13 7.82 21.87 -13.22
N PHE A 14 6.79 21.38 -13.91
CA PHE A 14 6.33 20.02 -13.66
C PHE A 14 7.38 18.95 -13.95
N ILE A 15 8.01 19.05 -15.11
CA ILE A 15 9.02 18.08 -15.50
C ILE A 15 10.18 18.09 -14.52
N ARG A 16 10.53 19.28 -14.07
CA ARG A 16 11.62 19.41 -13.12
C ARG A 16 11.26 18.67 -11.84
N SER A 17 9.99 18.74 -11.46
CA SER A 17 9.50 18.09 -10.24
C SER A 17 9.35 16.59 -10.41
N LEU A 18 8.83 16.17 -11.55
CA LEU A 18 8.62 14.76 -11.82
C LEU A 18 9.92 13.98 -11.80
N LEU A 19 10.92 14.48 -12.53
CA LEU A 19 12.22 13.84 -12.62
C LEU A 19 13.15 14.09 -11.44
N MET A 20 12.93 15.18 -10.71
CA MET A 20 13.76 15.49 -9.55
C MET A 20 12.87 16.00 -8.42
N PRO A 21 12.10 15.09 -7.81
CA PRO A 21 11.20 15.43 -6.71
C PRO A 21 11.86 16.22 -5.57
N THR A 22 13.14 15.95 -5.31
CA THR A 22 13.85 16.63 -4.24
C THR A 22 13.93 18.15 -4.44
N THR A 23 13.56 18.59 -5.64
CA THR A 23 13.61 20.01 -6.02
C THR A 23 12.43 20.80 -5.47
N GLY A 24 11.30 20.13 -5.36
CA GLY A 24 10.12 20.78 -4.85
C GLY A 24 8.86 20.34 -5.58
N PRO A 25 7.70 20.87 -5.18
CA PRO A 25 6.43 20.52 -5.81
C PRO A 25 6.10 21.44 -6.98
N ALA A 26 5.19 20.96 -7.82
CA ALA A 26 4.71 21.69 -8.97
C ALA A 26 3.31 21.17 -9.30
N SER A 27 2.43 22.05 -9.78
CA SER A 27 1.09 21.58 -10.10
C SER A 27 1.12 20.67 -11.31
N ILE A 28 0.23 19.69 -11.31
CA ILE A 28 0.11 18.74 -12.41
C ILE A 28 -0.68 19.44 -13.51
N PRO A 29 -0.15 19.44 -14.75
CA PRO A 29 -0.79 20.07 -15.91
C PRO A 29 -1.92 19.28 -16.57
N ASP A 30 -2.83 18.72 -15.80
CA ASP A 30 -3.92 17.98 -16.42
C ASP A 30 -5.18 18.84 -16.39
N ASP A 31 -6.31 18.23 -16.73
CA ASP A 31 -7.59 18.93 -16.78
C ASP A 31 -8.29 19.05 -15.41
N THR A 32 -7.65 18.53 -14.37
CA THR A 32 -8.21 18.54 -13.02
C THR A 32 -7.98 19.88 -12.31
N LEU A 33 -8.80 20.88 -12.65
CA LEU A 33 -8.68 22.21 -12.07
C LEU A 33 -9.29 22.50 -10.69
N GLU A 34 -8.47 22.41 -9.65
CA GLU A 34 -8.92 22.66 -8.28
C GLU A 34 -8.08 23.74 -7.63
N LYS A 35 -8.66 24.48 -6.70
CA LYS A 35 -7.91 25.49 -5.98
C LYS A 35 -7.18 24.66 -4.93
N HIS A 36 -5.86 24.59 -5.02
CA HIS A 36 -5.08 23.81 -4.06
C HIS A 36 -3.82 24.57 -3.67
N THR A 37 -2.96 23.88 -2.93
CA THR A 37 -1.70 24.42 -2.47
C THR A 37 -0.66 23.32 -2.64
N LEU A 38 0.60 23.70 -2.85
CA LEU A 38 1.65 22.70 -3.04
C LEU A 38 2.57 22.57 -1.84
N ARG A 39 2.83 21.34 -1.42
CA ARG A 39 3.73 21.10 -0.31
C ARG A 39 4.59 19.88 -0.55
N SER A 40 5.74 19.87 0.11
CA SER A 40 6.68 18.77 0.03
C SER A 40 6.83 18.23 1.44
N GLU A 41 6.91 16.91 1.54
CA GLU A 41 7.07 16.23 2.82
C GLU A 41 8.24 15.28 2.74
N THR A 42 9.17 15.42 3.67
CA THR A 42 10.34 14.55 3.72
C THR A 42 10.03 13.26 4.45
N SER A 43 10.85 12.24 4.19
CA SER A 43 10.74 10.94 4.83
C SER A 43 12.16 10.51 5.18
N THR A 44 12.44 10.45 6.48
CA THR A 44 13.76 10.05 6.93
C THR A 44 13.68 8.88 7.90
N TYR A 45 14.40 7.81 7.59
CA TYR A 45 14.42 6.62 8.44
C TYR A 45 15.78 5.94 8.49
N ASN A 46 16.14 5.43 9.66
CA ASN A 46 17.39 4.71 9.84
C ASN A 46 17.05 3.30 10.31
N LEU A 47 16.86 2.42 9.34
CA LEU A 47 16.51 1.03 9.61
C LEU A 47 17.72 0.24 10.12
N THR A 48 17.48 -0.73 10.98
CA THR A 48 18.54 -1.56 11.53
C THR A 48 18.47 -2.95 10.92
N VAL A 49 19.61 -3.41 10.42
CA VAL A 49 19.72 -4.72 9.78
C VAL A 49 19.64 -5.91 10.74
N GLY A 50 18.88 -6.92 10.32
CA GLY A 50 18.69 -8.12 11.12
C GLY A 50 19.87 -9.08 11.20
N ASP A 51 19.63 -10.26 11.78
CA ASP A 51 20.68 -11.26 11.95
C ASP A 51 21.16 -11.85 10.64
N THR A 52 20.23 -12.08 9.72
CA THR A 52 20.55 -12.66 8.42
C THR A 52 21.26 -11.67 7.51
N GLY A 53 21.10 -10.39 7.79
CA GLY A 53 21.74 -9.37 6.97
C GLY A 53 20.97 -9.11 5.68
N SER A 54 19.76 -9.64 5.59
CA SER A 54 18.92 -9.46 4.42
C SER A 54 17.58 -8.90 4.84
N GLY A 55 17.00 -8.06 3.98
CA GLY A 55 15.72 -7.47 4.28
C GLY A 55 15.01 -7.04 3.02
N LEU A 56 13.79 -6.53 3.18
CA LEU A 56 13.00 -6.07 2.05
C LEU A 56 12.21 -4.83 2.41
N ILE A 57 12.30 -3.80 1.56
CA ILE A 57 11.55 -2.58 1.80
C ILE A 57 10.49 -2.46 0.72
N VAL A 58 9.23 -2.44 1.14
CA VAL A 58 8.14 -2.32 0.19
C VAL A 58 7.67 -0.88 0.07
N PHE A 59 7.85 -0.31 -1.11
CA PHE A 59 7.45 1.07 -1.37
C PHE A 59 6.18 1.16 -2.18
N PHE A 60 5.40 2.19 -1.87
CA PHE A 60 4.14 2.49 -2.57
C PHE A 60 4.37 3.87 -3.17
N PRO A 61 5.16 3.95 -4.25
CA PRO A 61 5.49 5.21 -4.94
C PRO A 61 4.36 6.15 -5.31
N GLY A 62 3.20 5.59 -5.64
CA GLY A 62 2.11 6.43 -6.05
C GLY A 62 1.06 6.69 -4.99
N PHE A 63 1.33 6.25 -3.76
CA PHE A 63 0.37 6.46 -2.70
C PHE A 63 0.03 7.93 -2.50
N PRO A 64 -1.25 8.30 -2.58
CA PRO A 64 -1.66 9.68 -2.41
C PRO A 64 -1.84 10.01 -0.94
N GLY A 65 -0.79 9.90 -0.15
CA GLY A 65 -0.94 10.20 1.26
C GLY A 65 0.39 10.14 1.97
N SER A 66 0.35 9.99 3.29
CA SER A 66 1.56 9.91 4.08
C SER A 66 2.15 8.50 4.24
N ILE A 67 1.48 7.48 3.71
CA ILE A 67 2.03 6.12 3.80
C ILE A 67 3.02 5.95 2.64
N VAL A 68 4.30 5.82 2.95
CA VAL A 68 5.32 5.68 1.91
C VAL A 68 5.76 4.25 1.63
N GLY A 69 5.72 3.42 2.67
CA GLY A 69 6.14 2.04 2.50
C GLY A 69 6.20 1.31 3.81
N ALA A 70 6.79 0.12 3.77
CA ALA A 70 6.92 -0.72 4.93
C ALA A 70 8.23 -1.51 4.85
N HIS A 71 8.88 -1.66 5.99
CA HIS A 71 10.14 -2.39 6.06
C HIS A 71 9.94 -3.76 6.67
N TYR A 72 10.58 -4.76 6.09
CA TYR A 72 10.52 -6.12 6.60
C TYR A 72 11.93 -6.68 6.66
N THR A 73 12.21 -7.46 7.70
CA THR A 73 13.51 -8.09 7.83
C THR A 73 13.34 -9.57 7.58
N LEU A 74 14.32 -10.16 6.90
CA LEU A 74 14.29 -11.58 6.58
C LEU A 74 14.88 -12.33 7.77
N GLN A 75 14.26 -13.43 8.16
CA GLN A 75 14.74 -14.19 9.30
C GLN A 75 15.40 -15.50 8.92
N GLY A 76 16.02 -16.14 9.90
CA GLY A 76 16.70 -17.41 9.69
C GLY A 76 15.86 -18.51 9.06
N ASN A 77 14.59 -18.58 9.44
CA ASN A 77 13.69 -19.60 8.91
C ASN A 77 13.18 -19.32 7.52
N GLY A 78 13.53 -18.15 6.98
CA GLY A 78 13.09 -17.82 5.63
C GLY A 78 11.88 -16.92 5.53
N ASN A 79 11.18 -16.68 6.64
CA ASN A 79 10.01 -15.81 6.56
C ASN A 79 10.41 -14.38 6.90
N TYR A 80 9.62 -13.42 6.40
CA TYR A 80 9.89 -12.01 6.65
C TYR A 80 9.20 -11.62 7.96
N LYS A 81 9.69 -10.55 8.58
CA LYS A 81 9.11 -10.05 9.81
C LYS A 81 8.93 -8.54 9.71
N PHE A 82 7.69 -8.11 9.88
CA PHE A 82 7.38 -6.70 9.82
C PHE A 82 8.23 -5.91 10.82
N ASP A 83 8.74 -4.76 10.39
CA ASP A 83 9.53 -3.92 11.27
C ASP A 83 8.70 -2.71 11.63
N GLN A 84 8.50 -1.85 10.65
CA GLN A 84 7.72 -0.64 10.85
C GLN A 84 7.25 -0.07 9.53
N MET A 85 6.32 0.86 9.61
CA MET A 85 5.78 1.52 8.43
C MET A 85 6.63 2.74 8.14
N LEU A 86 6.92 2.97 6.86
CA LEU A 86 7.70 4.13 6.44
C LEU A 86 6.69 5.22 6.09
N LEU A 87 6.71 6.31 6.83
CA LEU A 87 5.75 7.38 6.59
C LEU A 87 6.36 8.73 6.25
N THR A 88 5.47 9.71 6.11
CA THR A 88 5.83 11.08 5.80
C THR A 88 6.15 11.77 7.12
N ALA A 89 7.05 12.75 7.06
CA ALA A 89 7.46 13.53 8.23
C ALA A 89 6.30 13.75 9.17
N GLN A 90 5.21 14.31 8.65
CA GLN A 90 4.04 14.54 9.46
C GLN A 90 2.80 13.96 8.80
N ASN A 91 1.81 13.62 9.62
CA ASN A 91 0.58 13.03 9.14
C ASN A 91 -0.31 14.04 8.43
N LEU A 92 -0.39 13.89 7.11
CA LEU A 92 -1.18 14.78 6.26
C LEU A 92 -2.66 14.88 6.62
N PRO A 93 -3.30 13.73 6.91
CA PRO A 93 -4.72 13.78 7.25
C PRO A 93 -5.03 14.67 8.46
N ALA A 94 -4.04 14.93 9.30
CA ALA A 94 -4.25 15.78 10.48
C ALA A 94 -4.38 17.25 10.10
N SER A 95 -3.89 17.60 8.91
CA SER A 95 -3.93 18.99 8.46
C SER A 95 -4.67 19.23 7.15
N TYR A 96 -4.74 18.22 6.28
CA TYR A 96 -5.45 18.39 5.00
C TYR A 96 -6.54 17.34 4.85
N ASN A 97 -7.51 17.62 3.98
CA ASN A 97 -8.62 16.69 3.74
C ASN A 97 -8.46 15.96 2.42
N TYR A 98 -8.12 16.70 1.38
CA TYR A 98 -7.93 16.10 0.08
C TYR A 98 -6.49 16.18 -0.38
N CYS A 99 -6.08 15.19 -1.15
CA CYS A 99 -4.71 15.12 -1.63
C CYS A 99 -4.59 14.57 -3.04
N ARG A 100 -3.44 14.83 -3.63
CA ARG A 100 -3.12 14.37 -4.96
C ARG A 100 -1.60 14.33 -5.05
N LEU A 101 -1.06 13.21 -5.55
CA LEU A 101 0.39 13.03 -5.66
C LEU A 101 0.98 13.60 -6.94
N VAL A 102 2.07 14.34 -6.78
CA VAL A 102 2.76 14.97 -7.90
C VAL A 102 4.00 14.22 -8.34
N SER A 103 4.92 14.02 -7.40
CA SER A 103 6.15 13.32 -7.68
C SER A 103 6.75 12.83 -6.39
N ARG A 104 7.71 11.93 -6.51
CA ARG A 104 8.33 11.37 -5.32
C ARG A 104 9.59 10.59 -5.67
N SER A 105 10.59 10.72 -4.82
CA SER A 105 11.85 10.02 -5.00
C SER A 105 12.35 9.65 -3.62
N LEU A 106 12.97 8.48 -3.53
CA LEU A 106 13.50 7.99 -2.27
C LEU A 106 14.83 7.33 -2.53
N THR A 107 15.75 7.45 -1.58
CA THR A 107 17.04 6.83 -1.72
C THR A 107 17.30 5.88 -0.55
N VAL A 108 17.82 4.71 -0.87
CA VAL A 108 18.13 3.70 0.11
C VAL A 108 19.61 3.35 0.02
N ARG A 109 20.33 3.56 1.12
CA ARG A 109 21.76 3.26 1.17
C ARG A 109 22.20 3.06 2.61
N SER A 110 23.34 2.39 2.78
CA SER A 110 23.88 2.14 4.11
C SER A 110 24.67 3.36 4.58
N SER A 111 24.66 3.61 5.88
CA SER A 111 25.35 4.76 6.44
C SER A 111 26.31 4.44 7.56
N THR A 112 26.04 3.35 8.28
CA THR A 112 26.91 2.97 9.38
C THR A 112 27.29 1.51 9.29
N LEU A 113 28.40 1.17 9.94
CA LEU A 113 28.89 -0.20 9.97
C LEU A 113 29.45 -0.52 11.37
N PRO A 114 29.11 -1.71 11.88
CA PRO A 114 29.53 -2.20 13.21
C PRO A 114 31.04 -2.38 13.37
N LEU A 120 31.22 -2.28 0.92
CA LEU A 120 31.74 -3.07 2.04
C LEU A 120 30.61 -3.90 2.65
N ASN A 121 29.36 -3.47 2.43
CA ASN A 121 28.19 -4.15 2.96
C ASN A 121 27.14 -4.53 1.93
N GLY A 122 27.23 -5.76 1.45
CA GLY A 122 26.26 -6.25 0.49
C GLY A 122 25.79 -5.42 -0.68
N THR A 123 24.76 -5.96 -1.30
CA THR A 123 24.15 -5.39 -2.48
C THR A 123 22.64 -5.22 -2.41
N ILE A 124 22.09 -4.58 -3.43
CA ILE A 124 20.66 -4.32 -3.51
C ILE A 124 20.08 -4.70 -4.86
N ASN A 125 18.83 -5.17 -4.83
CA ASN A 125 18.07 -5.57 -6.00
C ASN A 125 16.75 -4.84 -5.87
N ALA A 126 16.26 -4.25 -6.94
CA ALA A 126 14.99 -3.57 -6.85
C ALA A 126 14.21 -3.63 -8.15
N VAL A 127 12.90 -3.55 -8.01
CA VAL A 127 12.00 -3.59 -9.14
C VAL A 127 10.72 -2.87 -8.84
N THR A 128 10.04 -2.49 -9.91
CA THR A 128 8.78 -1.81 -9.81
C THR A 128 7.76 -2.72 -10.46
N PHE A 129 6.89 -3.29 -9.63
CA PHE A 129 5.84 -4.20 -10.05
C PHE A 129 4.54 -3.46 -10.34
N GLN A 130 3.90 -3.80 -11.46
CA GLN A 130 2.64 -3.15 -11.79
C GLN A 130 1.42 -3.81 -11.18
N GLY A 131 1.46 -3.99 -9.88
CA GLY A 131 0.34 -4.62 -9.20
C GLY A 131 0.53 -4.46 -7.71
N SER A 132 -0.48 -4.86 -6.95
CA SER A 132 -0.39 -4.75 -5.51
C SER A 132 0.52 -5.81 -4.91
N LEU A 133 0.89 -5.57 -3.65
CA LEU A 133 1.78 -6.41 -2.91
C LEU A 133 1.53 -7.90 -2.94
N SER A 134 0.28 -8.31 -2.70
CA SER A 134 -0.06 -9.73 -2.68
C SER A 134 -0.06 -10.43 -4.04
N GLU A 135 -0.08 -9.65 -5.10
CA GLU A 135 -0.11 -10.22 -6.44
C GLU A 135 1.25 -10.69 -6.92
N LEU A 136 2.31 -10.37 -6.18
CA LEU A 136 3.67 -10.77 -6.53
C LEU A 136 3.84 -12.28 -6.40
N THR A 137 4.49 -12.87 -7.39
CA THR A 137 4.70 -14.31 -7.38
C THR A 137 5.95 -14.73 -6.63
N ASP A 138 6.98 -13.89 -6.68
CA ASP A 138 8.24 -14.18 -6.04
C ASP A 138 8.77 -12.90 -5.40
N VAL A 139 9.01 -12.93 -4.10
CA VAL A 139 9.51 -11.75 -3.39
C VAL A 139 10.90 -11.93 -2.81
N SER A 140 11.63 -12.90 -3.34
CA SER A 140 12.97 -13.15 -2.85
C SER A 140 13.93 -12.19 -3.51
N TYR A 141 15.07 -11.99 -2.87
CA TYR A 141 16.09 -11.11 -3.39
C TYR A 141 16.27 -11.31 -4.88
N ASN A 142 16.57 -12.54 -5.28
CA ASN A 142 16.80 -12.84 -6.69
C ASN A 142 15.52 -12.95 -7.52
N GLY A 143 14.43 -13.36 -6.90
CA GLY A 143 13.18 -13.52 -7.61
C GLY A 143 12.59 -12.24 -8.17
N LEU A 144 12.80 -11.13 -7.46
CA LEU A 144 12.29 -9.83 -7.87
C LEU A 144 12.62 -9.49 -9.31
N MET A 145 13.88 -9.66 -9.65
CA MET A 145 14.39 -9.37 -10.98
C MET A 145 13.49 -9.78 -12.14
N SER A 146 12.56 -10.69 -11.89
CA SER A 146 11.66 -11.15 -12.94
C SER A 146 10.22 -10.67 -12.76
N ALA A 147 10.03 -9.68 -11.89
CA ALA A 147 8.68 -9.16 -11.65
C ALA A 147 8.15 -8.36 -12.83
N THR A 148 9.05 -7.78 -13.62
CA THR A 148 8.66 -6.99 -14.79
C THR A 148 9.55 -7.38 -15.95
N ALA A 149 9.05 -7.16 -17.15
CA ALA A 149 9.82 -7.47 -18.35
C ALA A 149 10.60 -6.22 -18.72
N ASN A 150 10.09 -5.07 -18.26
CA ASN A 150 10.70 -3.77 -18.52
C ASN A 150 12.08 -3.65 -17.90
N ILE A 151 13.07 -3.37 -18.72
CA ILE A 151 14.43 -3.26 -18.22
C ILE A 151 14.70 -2.04 -17.34
N ASN A 152 13.96 -0.96 -17.57
CA ASN A 152 14.16 0.27 -16.78
C ASN A 152 13.32 0.30 -15.53
N ASP A 153 12.74 -0.84 -15.19
CA ASP A 153 11.91 -0.95 -14.01
C ASP A 153 12.53 -1.93 -13.04
N LYS A 154 13.76 -2.33 -13.34
CA LYS A 154 14.51 -3.25 -12.51
C LYS A 154 15.98 -2.85 -12.56
N ILE A 155 16.72 -3.24 -11.52
CA ILE A 155 18.13 -2.92 -11.40
C ILE A 155 18.77 -3.97 -10.46
N GLY A 156 19.91 -4.55 -10.85
CA GLY A 156 20.48 -5.57 -9.99
C GLY A 156 21.85 -5.41 -9.35
N ASN A 157 21.99 -6.03 -8.18
CA ASN A 157 23.22 -6.01 -7.41
C ASN A 157 23.93 -4.67 -7.39
N VAL A 158 23.29 -3.68 -6.78
CA VAL A 158 23.88 -2.37 -6.67
C VAL A 158 24.46 -2.34 -5.27
N LEU A 159 25.68 -1.85 -5.14
CA LEU A 159 26.32 -1.76 -3.84
C LEU A 159 25.48 -0.91 -2.90
N VAL A 160 25.29 -1.42 -1.70
CA VAL A 160 24.49 -0.70 -0.72
C VAL A 160 25.15 0.60 -0.32
N GLY A 161 26.48 0.59 -0.31
CA GLY A 161 27.22 1.79 0.05
C GLY A 161 26.92 2.89 -0.94
N GLU A 162 26.72 2.51 -2.19
CA GLU A 162 26.40 3.45 -3.25
C GLU A 162 24.96 3.90 -3.14
N GLY A 163 24.07 2.93 -2.99
CA GLY A 163 22.67 3.26 -2.86
C GLY A 163 21.87 3.11 -4.12
N VAL A 164 20.56 3.07 -3.93
CA VAL A 164 19.59 2.92 -4.99
C VAL A 164 18.57 4.03 -4.85
N THR A 165 18.18 4.62 -5.97
CA THR A 165 17.20 5.68 -5.94
C THR A 165 15.90 5.24 -6.60
N VAL A 166 14.80 5.46 -5.90
CA VAL A 166 13.48 5.10 -6.39
C VAL A 166 12.73 6.31 -6.88
N LEU A 167 12.44 6.32 -8.18
CA LEU A 167 11.73 7.42 -8.79
C LEU A 167 10.29 7.01 -9.10
N SER A 168 9.34 7.87 -8.77
CA SER A 168 7.95 7.53 -9.02
C SER A 168 7.37 8.07 -10.33
N LEU A 169 7.28 7.20 -11.32
CA LEU A 169 6.72 7.58 -12.59
C LEU A 169 5.21 7.37 -12.47
N PRO A 170 4.43 8.19 -13.18
CA PRO A 170 2.98 8.20 -13.22
C PRO A 170 2.30 6.97 -13.73
N THR A 171 1.10 6.76 -13.23
CA THR A 171 0.25 5.66 -13.62
C THR A 171 -1.08 6.33 -13.88
N SER A 172 -1.15 7.18 -14.90
CA SER A 172 -2.36 7.91 -15.28
C SER A 172 -2.56 9.20 -14.54
N TYR A 173 -2.79 10.27 -15.29
CA TYR A 173 -3.03 11.59 -14.72
C TYR A 173 -4.53 11.84 -14.73
N ASP A 174 -4.92 13.08 -14.51
CA ASP A 174 -6.33 13.41 -14.48
C ASP A 174 -7.06 12.52 -13.47
N LEU A 175 -6.40 12.28 -12.34
CA LEU A 175 -6.99 11.49 -11.27
C LEU A 175 -7.61 12.51 -10.32
N GLY A 176 -8.72 12.16 -9.72
CA GLY A 176 -9.38 13.08 -8.81
C GLY A 176 -8.59 13.23 -7.52
N TYR A 177 -9.03 14.17 -6.69
CA TYR A 177 -8.38 14.38 -5.41
C TYR A 177 -8.88 13.30 -4.47
N VAL A 178 -7.95 12.63 -3.82
CA VAL A 178 -8.26 11.57 -2.88
C VAL A 178 -8.47 12.18 -1.50
N ARG A 179 -9.44 11.68 -0.77
CA ARG A 179 -9.65 12.21 0.57
C ARG A 179 -8.82 11.39 1.54
N LEU A 180 -8.01 12.07 2.34
CA LEU A 180 -7.15 11.43 3.33
C LEU A 180 -8.01 10.89 4.47
N GLY A 181 -7.42 10.08 5.34
CA GLY A 181 -8.22 9.56 6.45
C GLY A 181 -8.35 10.60 7.54
N ASP A 182 -8.80 11.79 7.18
CA ASP A 182 -8.93 12.86 8.16
C ASP A 182 -10.02 12.64 9.20
N PRO A 183 -9.74 13.04 10.46
CA PRO A 183 -10.70 12.90 11.56
C PRO A 183 -11.82 13.88 11.33
N ILE A 184 -13.04 13.39 11.50
CA ILE A 184 -14.22 14.20 11.33
C ILE A 184 -14.80 14.53 12.70
N PRO A 185 -15.27 15.77 12.89
CA PRO A 185 -15.84 16.19 14.17
C PRO A 185 -16.89 15.22 14.73
N ALA A 186 -16.62 14.70 15.93
CA ALA A 186 -17.52 13.77 16.58
C ALA A 186 -17.20 13.58 18.06
N ILE A 187 -18.25 13.28 18.83
CA ILE A 187 -18.13 13.06 20.26
C ILE A 187 -18.79 11.75 20.63
N GLY A 188 -18.18 11.04 21.58
CA GLY A 188 -18.73 9.77 22.01
C GLY A 188 -18.40 9.47 23.45
N LEU A 189 -19.01 8.41 23.98
CA LEU A 189 -18.80 8.01 25.35
C LEU A 189 -17.46 7.30 25.48
N ASP A 190 -17.08 6.59 24.43
CA ASP A 190 -15.82 5.85 24.43
C ASP A 190 -14.64 6.78 24.14
N PRO A 191 -13.60 6.70 24.96
CA PRO A 191 -12.41 7.54 24.77
C PRO A 191 -11.63 7.10 23.52
N LYS A 192 -11.71 5.81 23.20
CA LYS A 192 -11.03 5.26 22.04
C LYS A 192 -11.88 5.30 20.78
N MET A 193 -12.76 6.30 20.70
CA MET A 193 -13.58 6.43 19.52
C MET A 193 -12.88 7.20 18.43
N VAL A 194 -12.96 6.64 17.23
CA VAL A 194 -12.32 7.21 16.06
C VAL A 194 -13.31 7.38 14.92
N ALA A 195 -13.43 8.61 14.43
CA ALA A 195 -14.32 8.90 13.33
C ALA A 195 -13.57 9.62 12.21
N THR A 196 -13.53 8.99 11.04
CA THR A 196 -12.84 9.58 9.90
C THR A 196 -13.59 9.40 8.59
N CYS A 197 -13.24 10.26 7.65
CA CYS A 197 -13.80 10.28 6.31
C CYS A 197 -12.70 9.68 5.43
N ASP A 198 -12.79 8.39 5.14
CA ASP A 198 -11.76 7.73 4.37
C ASP A 198 -11.79 7.88 2.84
N SER A 199 -10.72 7.39 2.22
CA SER A 199 -10.54 7.40 0.78
C SER A 199 -11.53 6.43 0.21
N SER A 200 -12.53 6.95 -0.50
CA SER A 200 -13.56 6.09 -1.06
C SER A 200 -13.56 5.95 -2.58
N ASP A 201 -13.38 7.06 -3.29
CA ASP A 201 -13.37 7.08 -4.76
C ASP A 201 -12.56 5.92 -5.30
N ARG A 202 -13.07 5.31 -6.37
CA ARG A 202 -12.36 4.23 -7.01
C ARG A 202 -12.06 3.06 -6.06
N PRO A 203 -13.10 2.36 -5.58
CA PRO A 203 -12.92 1.23 -4.67
C PRO A 203 -12.58 -0.04 -5.41
N ARG A 204 -11.84 -0.93 -4.75
CA ARG A 204 -11.50 -2.21 -5.34
C ARG A 204 -12.42 -3.25 -4.69
N VAL A 205 -12.91 -4.19 -5.48
CA VAL A 205 -13.80 -5.21 -4.95
C VAL A 205 -13.38 -6.63 -5.27
N TYR A 206 -13.22 -7.43 -4.21
CA TYR A 206 -12.86 -8.83 -4.36
C TYR A 206 -14.13 -9.65 -4.09
N THR A 207 -14.45 -10.54 -5.02
CA THR A 207 -15.62 -11.40 -4.88
C THR A 207 -15.20 -12.86 -4.70
N ILE A 208 -15.35 -13.33 -3.47
CA ILE A 208 -14.96 -14.71 -3.10
C ILE A 208 -16.14 -15.67 -2.91
N THR A 209 -16.30 -16.63 -3.81
CA THR A 209 -17.37 -17.61 -3.63
C THR A 209 -16.81 -18.71 -2.75
N ALA A 210 -16.97 -18.52 -1.44
CA ALA A 210 -16.47 -19.45 -0.43
C ALA A 210 -16.95 -20.88 -0.54
N ALA A 211 -18.19 -21.07 -0.99
CA ALA A 211 -18.72 -22.41 -1.11
C ALA A 211 -19.95 -22.48 -1.98
N ASP A 212 -20.06 -23.58 -2.71
CA ASP A 212 -21.19 -23.81 -3.59
C ASP A 212 -21.67 -25.22 -3.26
N ASP A 213 -22.44 -25.34 -2.18
CA ASP A 213 -22.94 -26.62 -1.71
C ASP A 213 -21.78 -27.52 -1.31
N TYR A 214 -20.91 -26.99 -0.47
CA TYR A 214 -19.76 -27.71 0.03
C TYR A 214 -20.23 -28.66 1.11
N GLN A 215 -19.88 -29.94 0.98
CA GLN A 215 -20.27 -30.94 1.97
C GLN A 215 -19.22 -31.13 3.06
N PHE A 216 -19.59 -30.83 4.30
CA PHE A 216 -18.68 -30.97 5.44
C PHE A 216 -19.02 -32.26 6.17
N SER A 217 -18.00 -32.97 6.63
CA SER A 217 -18.22 -34.21 7.35
C SER A 217 -17.04 -34.58 8.25
N SER A 218 -17.32 -34.74 9.54
CA SER A 218 -16.29 -35.08 10.51
C SER A 218 -16.93 -35.52 11.81
N GLN A 219 -16.23 -36.38 12.56
CA GLN A 219 -16.75 -36.87 13.82
C GLN A 219 -16.70 -35.85 14.94
N TYR A 220 -17.47 -36.11 15.99
CA TYR A 220 -17.52 -35.21 17.15
C TYR A 220 -16.19 -35.13 17.87
N GLN A 221 -15.97 -34.00 18.54
CA GLN A 221 -14.76 -33.76 19.27
C GLN A 221 -15.02 -32.65 20.29
N PRO A 222 -14.68 -32.89 21.57
CA PRO A 222 -14.90 -31.87 22.61
C PRO A 222 -14.11 -30.60 22.30
N GLY A 223 -14.81 -29.49 22.11
CA GLY A 223 -14.16 -28.23 21.78
C GLY A 223 -14.51 -27.81 20.38
N GLY A 224 -14.77 -28.81 19.55
CA GLY A 224 -15.16 -28.55 18.17
C GLY A 224 -14.08 -28.89 17.15
N VAL A 225 -14.50 -28.99 15.90
CA VAL A 225 -13.61 -29.27 14.79
C VAL A 225 -13.48 -27.99 13.98
N THR A 226 -12.26 -27.51 13.85
CA THR A 226 -11.99 -26.28 13.13
C THR A 226 -11.42 -26.54 11.75
N ILE A 227 -11.95 -25.82 10.77
CA ILE A 227 -11.49 -25.95 9.39
C ILE A 227 -11.40 -24.57 8.76
N THR A 228 -10.50 -24.45 7.80
CA THR A 228 -10.30 -23.19 7.08
C THR A 228 -11.00 -23.32 5.73
N LEU A 229 -12.16 -22.70 5.62
CA LEU A 229 -12.95 -22.77 4.40
C LEU A 229 -12.21 -22.29 3.17
N PHE A 230 -11.58 -21.13 3.27
CA PHE A 230 -10.84 -20.58 2.13
C PHE A 230 -9.79 -19.59 2.59
N SER A 231 -8.90 -19.24 1.68
CA SER A 231 -7.83 -18.31 1.95
C SER A 231 -7.41 -17.65 0.63
N ALA A 232 -7.78 -16.39 0.45
CA ALA A 232 -7.42 -15.68 -0.77
C ALA A 232 -6.53 -14.48 -0.50
N ASN A 233 -5.72 -14.10 -1.49
CA ASN A 233 -4.84 -12.96 -1.35
C ASN A 233 -5.58 -11.70 -1.77
N ILE A 234 -5.59 -10.73 -0.87
CA ILE A 234 -6.22 -9.47 -1.13
C ILE A 234 -5.21 -8.45 -0.63
N ASP A 235 -5.41 -7.18 -0.95
CA ASP A 235 -4.50 -6.15 -0.50
C ASP A 235 -5.26 -5.03 0.16
N ALA A 236 -4.69 -4.47 1.21
CA ALA A 236 -5.31 -3.38 1.90
C ALA A 236 -4.29 -2.70 2.80
N ILE A 237 -4.38 -1.38 2.86
CA ILE A 237 -3.48 -0.58 3.68
C ILE A 237 -4.34 0.30 4.57
N THR A 238 -5.44 0.76 3.99
CA THR A 238 -6.41 1.61 4.67
C THR A 238 -7.69 0.80 4.87
N SER A 239 -8.68 1.42 5.50
CA SER A 239 -9.98 0.80 5.78
C SER A 239 -10.56 -0.03 4.62
N LEU A 240 -11.28 -1.09 5.00
CA LEU A 240 -11.93 -1.98 4.06
C LEU A 240 -13.18 -2.52 4.77
N SER A 241 -14.07 -3.16 4.02
CA SER A 241 -15.28 -3.72 4.62
C SER A 241 -15.59 -5.05 3.94
N VAL A 242 -16.13 -5.99 4.71
CA VAL A 242 -16.47 -7.31 4.19
C VAL A 242 -17.98 -7.55 4.28
N GLY A 243 -18.56 -7.91 3.14
CA GLY A 243 -19.98 -8.18 3.09
C GLY A 243 -20.26 -9.52 2.45
N GLY A 244 -21.52 -9.91 2.48
CA GLY A 244 -21.89 -11.20 1.91
C GLY A 244 -22.64 -12.05 2.91
N GLU A 245 -22.88 -13.30 2.53
CA GLU A 245 -23.62 -14.19 3.39
C GLU A 245 -23.46 -15.65 3.00
N LEU A 246 -23.28 -16.49 4.01
CA LEU A 246 -23.12 -17.93 3.83
C LEU A 246 -24.36 -18.64 4.37
N VAL A 247 -24.91 -19.55 3.58
CA VAL A 247 -26.09 -20.31 4.00
C VAL A 247 -25.73 -21.75 4.36
N PHE A 248 -26.09 -22.15 5.58
CA PHE A 248 -25.81 -23.52 6.03
C PHE A 248 -27.05 -24.40 6.11
N ARG A 249 -26.92 -25.63 5.65
CA ARG A 249 -27.99 -26.63 5.68
C ARG A 249 -27.48 -27.85 6.42
N THR A 250 -28.34 -28.48 7.21
CA THR A 250 -27.94 -29.66 7.97
C THR A 250 -29.09 -30.63 8.27
N SER A 251 -28.72 -31.86 8.60
CA SER A 251 -29.68 -32.91 8.94
C SER A 251 -29.51 -33.32 10.39
N VAL A 252 -28.34 -33.06 10.94
CA VAL A 252 -28.01 -33.38 12.32
C VAL A 252 -28.51 -32.29 13.26
N HIS A 253 -29.07 -32.71 14.40
CA HIS A 253 -29.60 -31.78 15.37
C HIS A 253 -28.54 -31.30 16.36
N GLY A 254 -28.76 -30.11 16.90
CA GLY A 254 -27.86 -29.53 17.87
C GLY A 254 -26.44 -29.20 17.46
N LEU A 255 -26.27 -28.64 16.26
CA LEU A 255 -24.95 -28.26 15.79
C LEU A 255 -24.77 -26.77 16.02
N VAL A 256 -23.61 -26.39 16.54
CA VAL A 256 -23.29 -24.99 16.81
C VAL A 256 -22.05 -24.57 16.02
N LEU A 257 -22.16 -23.47 15.29
CA LEU A 257 -21.07 -22.95 14.48
C LEU A 257 -20.36 -21.72 15.04
N GLY A 258 -19.07 -21.62 14.72
CA GLY A 258 -18.26 -20.49 15.14
C GLY A 258 -17.45 -20.04 13.93
N ALA A 259 -17.58 -18.79 13.54
CA ALA A 259 -16.84 -18.29 12.38
C ALA A 259 -15.99 -17.07 12.72
N THR A 260 -14.78 -17.06 12.17
CA THR A 260 -13.84 -15.98 12.40
C THR A 260 -13.08 -15.64 11.13
N ILE A 261 -13.01 -14.34 10.81
CA ILE A 261 -12.28 -13.89 9.63
C ILE A 261 -10.92 -13.37 10.06
N TYR A 262 -9.86 -13.82 9.39
CA TYR A 262 -8.54 -13.33 9.73
C TYR A 262 -7.95 -12.57 8.56
N LEU A 263 -7.35 -11.41 8.86
CA LEU A 263 -6.69 -10.57 7.87
C LEU A 263 -5.21 -10.73 8.14
N ILE A 264 -4.55 -11.45 7.25
CA ILE A 264 -3.13 -11.73 7.42
C ILE A 264 -2.21 -10.73 6.73
N GLY A 265 -1.07 -10.48 7.37
CA GLY A 265 -0.08 -9.55 6.84
C GLY A 265 0.88 -10.18 5.86
N PHE A 266 1.85 -9.38 5.41
CA PHE A 266 2.85 -9.85 4.47
C PHE A 266 3.77 -10.86 5.14
N ASP A 267 4.05 -10.65 6.42
CA ASP A 267 4.92 -11.54 7.17
C ASP A 267 4.22 -12.79 7.66
N GLY A 268 2.96 -12.96 7.28
CA GLY A 268 2.20 -14.14 7.68
C GLY A 268 1.56 -14.05 9.06
N THR A 269 1.80 -12.95 9.75
CA THR A 269 1.24 -12.74 11.08
C THR A 269 -0.18 -12.21 10.96
N THR A 270 -1.03 -12.58 11.91
CA THR A 270 -2.41 -12.12 11.91
C THR A 270 -2.45 -10.64 12.29
N VAL A 271 -3.02 -9.82 11.41
CA VAL A 271 -3.11 -8.39 11.68
C VAL A 271 -4.42 -8.05 12.36
N ILE A 272 -5.49 -8.62 11.84
CA ILE A 272 -6.81 -8.35 12.37
C ILE A 272 -7.66 -9.61 12.39
N THR A 273 -8.24 -9.86 13.56
CA THR A 273 -9.08 -11.01 13.77
C THR A 273 -10.49 -10.57 14.21
N ARG A 274 -11.49 -10.93 13.42
CA ARG A 274 -12.88 -10.57 13.73
C ARG A 274 -13.79 -11.80 13.73
N ALA A 275 -14.54 -11.95 14.82
CA ALA A 275 -15.47 -13.08 14.93
C ALA A 275 -16.74 -12.71 14.19
N VAL A 276 -17.06 -13.47 13.15
CA VAL A 276 -18.24 -13.20 12.35
C VAL A 276 -19.50 -13.68 13.04
N ALA A 277 -19.43 -14.88 13.61
CA ALA A 277 -20.57 -15.47 14.28
C ALA A 277 -20.08 -16.48 15.30
N ALA A 278 -20.32 -16.19 16.57
CA ALA A 278 -19.92 -17.09 17.64
C ALA A 278 -21.15 -17.71 18.26
N ASN A 279 -21.08 -19.02 18.52
CA ASN A 279 -22.19 -19.73 19.12
C ASN A 279 -23.48 -19.50 18.31
N ASN A 280 -23.59 -20.20 17.20
CA ASN A 280 -24.75 -20.09 16.33
C ASN A 280 -25.33 -21.48 16.11
N GLY A 281 -26.53 -21.72 16.63
CA GLY A 281 -27.15 -23.02 16.48
C GLY A 281 -27.79 -23.21 15.11
N LEU A 282 -27.75 -24.45 14.61
CA LEU A 282 -28.32 -24.77 13.31
C LEU A 282 -29.64 -25.51 13.43
N THR A 283 -30.59 -25.12 12.59
CA THR A 283 -31.91 -25.74 12.58
C THR A 283 -31.97 -26.72 11.41
N THR A 284 -32.60 -27.87 11.64
CA THR A 284 -32.69 -28.90 10.62
C THR A 284 -33.70 -28.61 9.51
N GLY A 285 -33.28 -28.84 8.28
CA GLY A 285 -34.13 -28.65 7.11
C GLY A 285 -34.52 -27.21 6.82
N THR A 286 -33.68 -26.27 7.19
CA THR A 286 -33.94 -24.86 6.95
C THR A 286 -32.64 -24.13 6.60
N ASP A 287 -32.77 -23.01 5.91
CA ASP A 287 -31.60 -22.22 5.54
C ASP A 287 -31.14 -21.42 6.75
N ASN A 288 -29.89 -21.66 7.17
CA ASN A 288 -29.30 -20.94 8.30
C ASN A 288 -28.37 -19.87 7.76
N LEU A 289 -28.80 -18.61 7.91
CA LEU A 289 -28.03 -17.48 7.43
C LEU A 289 -26.92 -17.02 8.36
N MET A 290 -25.75 -16.76 7.77
CA MET A 290 -24.61 -16.25 8.50
C MET A 290 -24.09 -15.03 7.75
N PRO A 291 -24.62 -13.86 8.09
CA PRO A 291 -24.29 -12.56 7.49
C PRO A 291 -22.87 -12.09 7.80
N PHE A 292 -22.32 -11.28 6.90
CA PHE A 292 -20.99 -10.70 7.09
C PHE A 292 -21.16 -9.19 7.02
N ASN A 293 -21.00 -8.53 8.16
CA ASN A 293 -21.13 -7.08 8.23
C ASN A 293 -19.91 -6.50 8.92
N LEU A 294 -18.74 -6.79 8.36
CA LEU A 294 -17.49 -6.30 8.91
C LEU A 294 -17.01 -5.01 8.28
N VAL A 295 -16.58 -4.10 9.14
CA VAL A 295 -16.06 -2.82 8.73
C VAL A 295 -14.76 -2.58 9.49
N ILE A 296 -13.62 -2.75 8.81
CA ILE A 296 -12.33 -2.56 9.45
C ILE A 296 -11.78 -1.16 9.24
N PRO A 297 -11.59 -0.39 10.33
CA PRO A 297 -11.07 0.97 10.26
C PRO A 297 -9.58 0.99 9.93
N THR A 298 -9.10 2.15 9.51
CA THR A 298 -7.71 2.30 9.13
C THR A 298 -6.71 2.14 10.28
N ASN A 299 -7.00 2.69 11.44
CA ASN A 299 -6.05 2.60 12.57
C ASN A 299 -5.84 1.18 13.10
N GLU A 300 -6.78 0.28 12.81
CA GLU A 300 -6.64 -1.10 13.28
C GLU A 300 -5.65 -1.90 12.44
N ILE A 301 -5.39 -1.43 11.23
CA ILE A 301 -4.46 -2.10 10.33
C ILE A 301 -3.05 -1.64 10.62
N THR A 302 -2.27 -2.52 11.25
CA THR A 302 -0.91 -2.20 11.65
C THR A 302 0.15 -2.42 10.58
N GLN A 303 -0.19 -3.20 9.57
CA GLN A 303 0.73 -3.44 8.49
C GLN A 303 -0.08 -3.91 7.30
N PRO A 304 0.46 -3.75 6.09
CA PRO A 304 -0.27 -4.16 4.90
C PRO A 304 -0.82 -5.56 5.00
N ILE A 305 -2.08 -5.70 4.58
CA ILE A 305 -2.78 -6.97 4.59
C ILE A 305 -2.49 -7.65 3.26
N THR A 306 -2.21 -8.95 3.34
CA THR A 306 -1.87 -9.73 2.17
C THR A 306 -2.86 -10.81 1.79
N SER A 307 -3.56 -11.34 2.78
CA SER A 307 -4.51 -12.40 2.52
C SER A 307 -5.60 -12.39 3.56
N ILE A 308 -6.72 -12.98 3.20
CA ILE A 308 -7.88 -13.07 4.08
C ILE A 308 -8.35 -14.52 4.14
N LYS A 309 -8.62 -15.00 5.34
CA LYS A 309 -9.10 -16.36 5.47
C LYS A 309 -10.24 -16.45 6.47
N LEU A 310 -11.05 -17.49 6.30
CA LEU A 310 -12.20 -17.73 7.15
C LEU A 310 -12.15 -19.10 7.82
N GLU A 311 -12.22 -19.11 9.15
CA GLU A 311 -12.22 -20.38 9.88
C GLU A 311 -13.60 -20.65 10.47
N ILE A 312 -14.04 -21.89 10.36
CA ILE A 312 -15.34 -22.30 10.88
C ILE A 312 -15.21 -23.44 11.87
N VAL A 313 -15.73 -23.21 13.07
CA VAL A 313 -15.67 -24.21 14.12
C VAL A 313 -17.05 -24.86 14.31
N THR A 314 -17.09 -26.18 14.20
CA THR A 314 -18.33 -26.92 14.35
C THR A 314 -18.33 -27.77 15.63
N SER A 315 -19.22 -27.43 16.55
CA SER A 315 -19.33 -28.16 17.82
C SER A 315 -20.77 -28.61 18.08
N LYS A 316 -20.92 -29.69 18.82
CA LYS A 316 -22.24 -30.23 19.15
C LYS A 316 -22.56 -30.11 20.64
N SER A 317 -23.83 -29.86 20.96
CA SER A 317 -24.26 -29.71 22.35
C SER A 317 -24.14 -31.00 23.16
N GLY A 318 -24.65 -32.10 22.61
CA GLY A 318 -24.57 -33.38 23.30
C GLY A 318 -23.18 -33.97 23.12
N GLY A 319 -23.01 -34.77 22.07
CA GLY A 319 -21.71 -35.35 21.80
C GLY A 319 -21.41 -36.68 22.46
N GLN A 320 -20.86 -37.60 21.69
CA GLN A 320 -20.50 -38.92 22.16
C GLN A 320 -19.12 -39.29 21.61
N ALA A 321 -19.01 -40.47 21.04
CA ALA A 321 -17.76 -40.95 20.48
C ALA A 321 -17.74 -40.74 18.97
N GLY A 322 -18.79 -41.23 18.32
CA GLY A 322 -18.89 -41.10 16.87
C GLY A 322 -20.28 -40.67 16.44
N ASP A 323 -20.51 -39.36 16.38
CA ASP A 323 -21.82 -38.86 15.98
C ASP A 323 -21.82 -38.34 14.54
N GLN A 324 -20.64 -38.13 13.96
CA GLN A 324 -20.57 -37.64 12.59
C GLN A 324 -21.35 -36.33 12.42
N MET A 325 -20.62 -35.20 12.42
CA MET A 325 -21.25 -33.89 12.25
C MET A 325 -21.21 -33.53 10.77
N SER A 326 -22.27 -32.90 10.27
CA SER A 326 -22.29 -32.54 8.87
C SER A 326 -23.23 -31.40 8.51
N TRP A 327 -22.74 -30.54 7.62
CA TRP A 327 -23.51 -29.41 7.12
C TRP A 327 -23.10 -29.05 5.70
N SER A 328 -23.96 -28.28 5.03
CA SER A 328 -23.72 -27.86 3.65
C SER A 328 -23.73 -26.33 3.56
N ALA A 329 -22.65 -25.75 3.05
CA ALA A 329 -22.59 -24.29 2.92
C ALA A 329 -22.65 -23.87 1.45
N ARG A 330 -23.19 -22.67 1.23
CA ARG A 330 -23.35 -22.10 -0.11
C ARG A 330 -23.44 -20.58 0.07
N GLY A 331 -22.58 -19.83 -0.60
CA GLY A 331 -22.61 -18.39 -0.46
C GLY A 331 -21.36 -17.70 -0.96
N SER A 332 -21.47 -16.40 -1.24
CA SER A 332 -20.35 -15.62 -1.73
C SER A 332 -20.13 -14.38 -0.86
N LEU A 333 -18.88 -13.96 -0.76
CA LEU A 333 -18.52 -12.79 0.03
C LEU A 333 -17.95 -11.71 -0.87
N ALA A 334 -18.03 -10.48 -0.38
CA ALA A 334 -17.52 -9.35 -1.13
C ALA A 334 -16.63 -8.48 -0.24
N VAL A 335 -15.33 -8.55 -0.49
CA VAL A 335 -14.36 -7.75 0.25
C VAL A 335 -14.17 -6.49 -0.56
N THR A 336 -14.41 -5.34 0.06
CA THR A 336 -14.29 -4.04 -0.61
C THR A 336 -13.30 -3.11 0.07
N ILE A 337 -12.12 -2.94 -0.51
CA ILE A 337 -11.17 -2.03 0.10
C ILE A 337 -11.40 -0.65 -0.49
N HIS A 338 -11.81 0.27 0.37
CA HIS A 338 -12.10 1.64 0.00
C HIS A 338 -10.93 2.32 -0.69
N GLY A 339 -11.22 2.88 -1.87
CA GLY A 339 -10.22 3.57 -2.65
C GLY A 339 -9.08 2.70 -3.11
N GLY A 340 -9.31 1.39 -3.15
CA GLY A 340 -8.27 0.46 -3.55
C GLY A 340 -7.85 0.53 -5.00
N ASN A 341 -8.77 0.80 -5.91
CA ASN A 341 -8.41 0.85 -7.32
C ASN A 341 -7.90 2.20 -7.82
N TYR A 342 -7.77 3.16 -6.91
CA TYR A 342 -7.27 4.48 -7.26
C TYR A 342 -5.81 4.26 -7.60
N PRO A 343 -5.38 4.61 -8.83
CA PRO A 343 -3.98 4.42 -9.20
C PRO A 343 -2.98 4.97 -8.17
N GLY A 344 -2.18 4.06 -7.61
CA GLY A 344 -1.19 4.42 -6.62
C GLY A 344 -1.48 4.03 -5.17
N ALA A 345 -2.76 3.89 -4.83
CA ALA A 345 -3.15 3.52 -3.47
C ALA A 345 -2.73 2.09 -3.14
N LEU A 346 -2.64 1.25 -4.17
CA LEU A 346 -2.25 -0.14 -3.99
C LEU A 346 -1.52 -0.67 -5.20
N ARG A 347 -1.90 -0.11 -6.36
CA ARG A 347 -1.35 -0.53 -7.64
C ARG A 347 0.17 -0.67 -7.80
N PRO A 348 0.88 0.43 -8.12
CA PRO A 348 2.32 0.26 -8.27
C PRO A 348 3.00 0.01 -6.94
N VAL A 349 3.90 -0.95 -6.94
CA VAL A 349 4.67 -1.30 -5.76
C VAL A 349 6.13 -1.48 -6.15
N THR A 350 7.02 -0.73 -5.50
CA THR A 350 8.44 -0.86 -5.79
C THR A 350 9.11 -1.57 -4.62
N LEU A 351 9.81 -2.65 -4.90
CA LEU A 351 10.49 -3.37 -3.85
C LEU A 351 11.98 -3.17 -3.92
N VAL A 352 12.56 -2.89 -2.77
CA VAL A 352 13.99 -2.69 -2.65
C VAL A 352 14.47 -3.75 -1.67
N ALA A 353 15.18 -4.75 -2.17
CA ALA A 353 15.68 -5.81 -1.31
C ALA A 353 17.19 -5.71 -1.18
N TYR A 354 17.68 -6.06 0.00
CA TYR A 354 19.11 -5.99 0.27
C TYR A 354 19.57 -7.25 0.98
N GLU A 355 20.81 -7.65 0.74
CA GLU A 355 21.35 -8.84 1.39
C GLU A 355 22.86 -8.76 1.57
N ARG A 356 23.39 -9.64 2.41
CA ARG A 356 24.82 -9.67 2.68
C ARG A 356 25.29 -8.45 3.45
N VAL A 357 24.35 -7.62 3.91
CA VAL A 357 24.70 -6.43 4.66
C VAL A 357 25.06 -6.84 6.08
N ALA A 358 26.06 -6.18 6.66
CA ALA A 358 26.49 -6.49 8.01
C ALA A 358 25.36 -6.38 9.03
N THR A 359 25.32 -7.31 9.98
CA THR A 359 24.30 -7.30 11.02
C THR A 359 24.55 -6.14 11.96
N GLY A 360 23.53 -5.32 12.16
CA GLY A 360 23.66 -4.19 13.07
C GLY A 360 23.96 -2.88 12.38
N SER A 361 24.19 -2.93 11.08
CA SER A 361 24.49 -1.72 10.32
C SER A 361 23.19 -0.97 10.08
N VAL A 362 23.33 0.28 9.64
CA VAL A 362 22.16 1.11 9.38
C VAL A 362 21.91 1.33 7.90
N VAL A 363 20.67 1.07 7.50
CA VAL A 363 20.23 1.25 6.12
C VAL A 363 19.37 2.50 6.15
N THR A 364 19.88 3.59 5.56
CA THR A 364 19.17 4.85 5.56
C THR A 364 18.27 5.13 4.37
N VAL A 365 17.06 5.55 4.70
CA VAL A 365 16.05 5.88 3.70
C VAL A 365 15.79 7.38 3.80
N ALA A 366 15.89 8.07 2.68
CA ALA A 366 15.64 9.50 2.62
C ALA A 366 14.93 9.83 1.34
N GLY A 367 13.83 10.56 1.45
CA GLY A 367 13.09 10.92 0.26
C GLY A 367 12.25 12.17 0.45
N VAL A 368 11.65 12.61 -0.64
CA VAL A 368 10.77 13.78 -0.65
C VAL A 368 9.53 13.38 -1.42
N SER A 369 8.37 13.81 -0.94
CA SER A 369 7.10 13.52 -1.59
C SER A 369 6.34 14.82 -1.79
N ASN A 370 5.95 15.09 -3.03
CA ASN A 370 5.23 16.32 -3.36
C ASN A 370 3.74 16.11 -3.60
N PHE A 371 2.92 16.96 -3.00
CA PHE A 371 1.49 16.82 -3.18
C PHE A 371 0.77 18.10 -3.54
N GLU A 372 -0.47 17.91 -4.00
CA GLU A 372 -1.39 18.99 -4.31
C GLU A 372 -2.38 18.75 -3.17
N LEU A 373 -2.52 19.73 -2.28
CA LEU A 373 -3.40 19.56 -1.14
C LEU A 373 -4.51 20.58 -0.94
N ILE A 374 -5.51 20.17 -0.17
CA ILE A 374 -6.66 20.99 0.20
C ILE A 374 -6.74 20.90 1.72
N PRO A 375 -6.47 22.01 2.42
CA PRO A 375 -6.50 22.08 3.88
C PRO A 375 -7.85 21.78 4.49
N ASN A 376 -7.83 21.35 5.75
CA ASN A 376 -9.05 21.07 6.47
C ASN A 376 -9.65 22.40 6.89
N PRO A 377 -10.93 22.40 7.29
CA PRO A 377 -11.64 23.60 7.72
C PRO A 377 -10.83 24.58 8.59
N GLU A 378 -10.10 24.06 9.57
CA GLU A 378 -9.31 24.91 10.47
C GLU A 378 -8.11 25.57 9.81
N LEU A 379 -7.36 24.81 9.03
CA LEU A 379 -6.17 25.30 8.36
C LEU A 379 -6.52 26.17 7.15
N ALA A 380 -7.67 25.89 6.57
CA ALA A 380 -8.14 26.63 5.40
C ALA A 380 -8.40 28.09 5.75
N LYS A 381 -8.39 28.42 7.04
CA LYS A 381 -8.62 29.80 7.46
C LYS A 381 -7.38 30.65 7.25
N ASN A 382 -6.22 29.99 7.13
CA ASN A 382 -4.95 30.72 6.96
C ASN A 382 -4.12 30.20 5.80
N LEU A 383 -4.61 29.15 5.16
CA LEU A 383 -3.91 28.58 4.03
C LEU A 383 -4.62 29.03 2.77
N VAL A 384 -3.89 29.74 1.92
CA VAL A 384 -4.47 30.23 0.68
C VAL A 384 -4.31 29.18 -0.43
N THR A 385 -5.39 28.98 -1.18
CA THR A 385 -5.40 28.04 -2.29
C THR A 385 -5.59 28.76 -3.61
N GLU A 386 -5.00 28.24 -4.66
CA GLU A 386 -5.11 28.85 -5.97
C GLU A 386 -5.12 27.78 -7.03
N TYR A 387 -5.51 28.16 -8.24
CA TYR A 387 -5.53 27.22 -9.34
C TYR A 387 -4.10 27.07 -9.86
N GLY A 388 -3.80 25.92 -10.43
CA GLY A 388 -2.46 25.67 -10.94
C GLY A 388 -1.92 26.75 -11.86
N ARG A 389 -0.59 26.91 -11.84
CA ARG A 389 0.07 27.89 -12.69
C ARG A 389 -0.11 27.36 -14.08
N PHE A 390 -0.50 28.24 -14.99
CA PHE A 390 -0.75 27.85 -16.35
C PHE A 390 0.48 27.99 -17.24
N ASP A 391 0.82 26.89 -17.90
CA ASP A 391 1.94 26.89 -18.83
C ASP A 391 1.71 25.75 -19.81
N PRO A 392 1.18 26.10 -21.00
CA PRO A 392 0.87 25.17 -22.09
C PRO A 392 2.11 24.43 -22.54
N GLY A 393 1.90 23.19 -23.01
CA GLY A 393 3.02 22.40 -23.47
C GLY A 393 3.70 21.63 -22.37
N ALA A 394 3.28 21.84 -21.13
CA ALA A 394 3.86 21.13 -20.00
C ALA A 394 3.45 19.66 -20.08
N MET A 395 2.16 19.43 -20.28
CA MET A 395 1.64 18.07 -20.38
C MET A 395 2.16 17.39 -21.64
N ASN A 396 2.21 18.13 -22.73
CA ASN A 396 2.68 17.59 -24.01
C ASN A 396 4.13 17.18 -23.91
N TYR A 397 4.92 17.99 -23.22
CA TYR A 397 6.32 17.70 -23.05
C TYR A 397 6.45 16.45 -22.18
N THR A 398 5.59 16.35 -21.17
CA THR A 398 5.59 15.20 -20.27
C THR A 398 5.29 13.94 -21.06
N LYS A 399 4.26 14.01 -21.92
CA LYS A 399 3.89 12.86 -22.73
C LYS A 399 5.03 12.49 -23.66
N LEU A 400 5.72 13.50 -24.19
CA LEU A 400 6.84 13.28 -25.08
C LEU A 400 7.95 12.51 -24.34
N ILE A 401 8.30 13.02 -23.17
CA ILE A 401 9.33 12.42 -22.32
C ILE A 401 8.99 10.98 -21.96
N LEU A 402 7.76 10.78 -21.51
CA LEU A 402 7.30 9.45 -21.13
C LEU A 402 7.26 8.54 -22.35
N SER A 403 7.01 9.14 -23.51
CA SER A 403 6.95 8.38 -24.75
C SER A 403 8.30 7.82 -25.14
N GLU A 404 9.34 8.61 -24.91
CA GLU A 404 10.71 8.22 -25.24
C GLU A 404 11.39 7.79 -23.95
N ARG A 405 10.60 7.29 -23.01
CA ARG A 405 11.15 6.88 -21.74
C ARG A 405 12.30 5.89 -21.84
N ASP A 406 12.13 4.83 -22.62
CA ASP A 406 13.18 3.83 -22.72
C ASP A 406 14.45 4.32 -23.41
N ARG A 407 14.33 5.20 -24.40
CA ARG A 407 15.50 5.70 -25.11
C ARG A 407 16.18 6.85 -24.37
N LEU A 408 15.56 7.32 -23.29
CA LEU A 408 16.10 8.41 -22.49
C LEU A 408 16.73 7.83 -21.23
N GLY A 409 16.35 6.60 -20.93
CA GLY A 409 16.87 5.92 -19.76
C GLY A 409 16.23 6.34 -18.46
N ILE A 410 14.99 6.81 -18.52
CA ILE A 410 14.26 7.26 -17.33
C ILE A 410 13.73 6.06 -16.56
N LYS A 411 14.43 5.68 -15.50
CA LYS A 411 14.07 4.53 -14.70
C LYS A 411 13.23 4.84 -13.47
N THR A 412 12.68 3.78 -12.86
CA THR A 412 11.87 3.88 -11.66
C THR A 412 12.73 3.50 -10.47
N VAL A 413 13.79 2.77 -10.76
CA VAL A 413 14.77 2.32 -9.77
C VAL A 413 16.13 2.61 -10.39
N TRP A 414 16.94 3.42 -9.73
CA TRP A 414 18.23 3.76 -10.30
C TRP A 414 19.35 3.52 -9.32
N PRO A 415 20.56 3.38 -9.83
CA PRO A 415 21.71 3.17 -8.96
C PRO A 415 22.00 4.64 -8.67
N THR A 416 21.94 5.03 -7.41
CA THR A 416 22.13 6.44 -7.06
C THR A 416 23.19 7.16 -7.88
N ARG A 417 24.34 6.53 -8.12
CA ARG A 417 25.38 7.16 -8.92
C ARG A 417 24.82 7.59 -10.28
N GLU A 418 24.14 6.69 -10.98
CA GLU A 418 23.57 6.99 -12.30
C GLU A 418 22.46 8.05 -12.25
N TYR A 419 21.74 8.10 -11.14
CA TYR A 419 20.68 9.07 -11.01
C TYR A 419 21.26 10.47 -10.82
N THR A 420 22.38 10.54 -10.13
CA THR A 420 23.05 11.81 -9.89
C THR A 420 23.61 12.34 -11.20
N ASP A 421 24.12 11.44 -12.04
CA ASP A 421 24.67 11.84 -13.33
C ASP A 421 23.53 12.33 -14.21
N PHE A 422 22.34 11.75 -13.98
CA PHE A 422 21.16 12.13 -14.76
C PHE A 422 20.67 13.51 -14.33
N ARG A 423 20.90 13.85 -13.06
CA ARG A 423 20.45 15.14 -12.55
C ARG A 423 21.27 16.29 -13.10
N GLU A 424 22.48 15.99 -13.57
CA GLU A 424 23.31 17.03 -14.14
C GLU A 424 23.25 17.03 -15.68
N TYR A 425 23.06 15.86 -16.28
CA TYR A 425 22.95 15.74 -17.74
C TYR A 425 21.71 16.54 -18.09
N PHE A 426 20.68 16.35 -17.26
CA PHE A 426 19.41 17.02 -17.42
C PHE A 426 19.46 18.24 -16.53
N MET A 427 18.54 19.18 -16.73
CA MET A 427 18.53 20.37 -15.89
C MET A 427 19.91 21.04 -16.09
N GLU A 428 20.24 21.31 -17.35
CA GLU A 428 21.51 21.94 -17.73
C GLU A 428 21.26 23.44 -17.77
N VAL A 429 19.99 23.80 -17.91
CA VAL A 429 19.60 25.21 -17.97
C VAL A 429 18.91 25.74 -16.71
N ALA A 430 19.65 26.54 -15.95
CA ALA A 430 19.17 27.19 -14.73
C ALA A 430 19.78 28.58 -14.83
N ASN A 431 19.43 29.25 -15.93
CA ASN A 431 19.91 30.59 -16.27
C ASN A 431 19.37 31.76 -15.44
N LEU A 432 19.42 31.65 -14.11
CA LEU A 432 18.99 32.74 -13.24
C LEU A 432 17.81 33.51 -13.82
N ASN A 433 18.12 34.62 -14.48
CA ASN A 433 17.08 35.44 -15.10
C ASN A 433 17.63 36.40 -16.15
N SER A 434 17.19 36.22 -17.40
CA SER A 434 17.65 37.08 -18.49
C SER A 434 17.16 38.51 -18.31
N PRO A 435 17.98 39.50 -18.70
CA PRO A 435 17.72 40.93 -18.61
C PRO A 435 16.29 41.38 -18.22
N LEU A 436 15.98 41.18 -16.94
CA LEU A 436 14.68 41.56 -16.37
C LEU A 436 14.92 42.74 -15.42
N LYS A 437 16.11 42.75 -14.80
CA LYS A 437 16.53 43.80 -13.86
C LYS A 437 17.12 44.98 -14.63
N ILE A 438 17.46 44.72 -15.89
CA ILE A 438 18.04 45.72 -16.77
C ILE A 438 17.03 46.06 -17.88
N ALA A 439 15.84 45.50 -17.78
CA ALA A 439 14.76 45.70 -18.75
C ALA A 439 14.25 47.14 -18.82
N GLY A 440 14.10 47.77 -17.65
CA GLY A 440 13.61 49.14 -17.60
C GLY A 440 12.86 49.46 -16.32
CA CA B . -4.31 13.23 -20.09
#